data_5OCJ
#
_entry.id   5OCJ
#
_cell.length_a   67.390
_cell.length_b   75.770
_cell.length_c   137.320
_cell.angle_alpha   90.00
_cell.angle_beta   90.00
_cell.angle_gamma   90.00
#
_symmetry.space_group_name_H-M   'P 21 21 21'
#
loop_
_entity.id
_entity.type
_entity.pdbx_description
1 polymer 'Diacylglycerol acyltransferase/mycolyltransferase Ag85C'
2 non-polymer 'methoxy-[(3~{R})-3-[(2~{R})-1-methoxy-1,3-bis(oxidanylidene)butan-2-yl]pentadecyl]phosphinic acid'
3 non-polymer 'DIMETHYL SULFOXIDE'
4 water water
#
_entity_poly.entity_id   1
_entity_poly.type   'polypeptide(L)'
_entity_poly.pdbx_seq_one_letter_code
;MFSRPGLPVEYLQVPSASMGRDIKVQFQGGGPHAVYLLDGLRAQDDYNGWDINTPAFEEYYQSGLSVIMPVGGQSSFYTD
WYQPSQSNGQNYTYKWETFLTREMPAWLQANKGVSPTGNAAVGLSMSGGSALILAAYYPQQFPYAASLSGFLNPSEGWWP
TLIGLAMNDSGGYNANSMWGPSSDPAWKRNDPMVQIPRLVANNTRIWVYCGNGTPSDLGGDNIPAKFLEGLTLRTNQTFR
DTYAADGGRNGVFNFPPNGTHSWPYWNEQLVAMKADIQHVLNGATPPAAPAAPAALEHHHHHH
;
_entity_poly.pdbx_strand_id   A,B
#
loop_
_chem_comp.id
_chem_comp.type
_chem_comp.name
_chem_comp.formula
9SW non-polymer 'methoxy-[(3~{R})-3-[(2~{R})-1-methoxy-1,3-bis(oxidanylidene)butan-2-yl]pentadecyl]phosphinic acid' 'C21 H41 O6 P'
DMS non-polymer 'DIMETHYL SULFOXIDE' 'C2 H6 O S'
#
# COMPACT_ATOMS: atom_id res chain seq x y z
N VAL A 9 -20.14 22.43 -21.03
CA VAL A 9 -20.16 21.03 -20.62
C VAL A 9 -21.59 20.68 -20.21
N GLU A 10 -22.06 19.50 -20.60
CA GLU A 10 -23.41 19.06 -20.30
C GLU A 10 -23.38 17.90 -19.32
N TYR A 11 -24.43 17.79 -18.51
CA TYR A 11 -24.57 16.68 -17.58
C TYR A 11 -25.78 15.89 -18.06
N LEU A 12 -25.53 14.67 -18.55
CA LEU A 12 -26.55 13.85 -19.19
C LEU A 12 -26.99 12.69 -18.30
N GLN A 13 -28.22 12.23 -18.51
CA GLN A 13 -28.76 11.05 -17.84
C GLN A 13 -29.00 9.99 -18.92
N VAL A 14 -28.21 8.94 -18.91
CA VAL A 14 -28.22 7.93 -19.98
C VAL A 14 -28.76 6.63 -19.38
N PRO A 15 -29.90 6.12 -19.83
CA PRO A 15 -30.44 4.89 -19.24
C PRO A 15 -29.53 3.70 -19.51
N SER A 16 -29.39 2.84 -18.51
CA SER A 16 -28.70 1.56 -18.65
C SER A 16 -29.74 0.46 -18.41
N ALA A 17 -30.22 -0.15 -19.49
CA ALA A 17 -31.13 -1.29 -19.35
C ALA A 17 -30.46 -2.41 -18.55
N SER A 18 -29.16 -2.63 -18.76
CA SER A 18 -28.50 -3.76 -18.12
C SER A 18 -28.34 -3.56 -16.62
N MET A 19 -28.20 -2.31 -16.15
CA MET A 19 -28.12 -2.06 -14.72
C MET A 19 -29.43 -1.58 -14.12
N GLY A 20 -30.44 -1.33 -14.94
CA GLY A 20 -31.73 -0.92 -14.42
C GLY A 20 -31.74 0.45 -13.77
N ARG A 21 -30.89 1.36 -14.23
CA ARG A 21 -30.85 2.70 -13.68
C ARG A 21 -30.26 3.64 -14.72
N ASP A 22 -30.36 4.94 -14.46
CA ASP A 22 -29.78 5.94 -15.33
C ASP A 22 -28.36 6.27 -14.86
N ILE A 23 -27.45 6.39 -15.82
CA ILE A 23 -26.06 6.69 -15.53
C ILE A 23 -25.80 8.15 -15.89
N LYS A 24 -25.25 8.90 -14.95
CA LYS A 24 -24.88 10.29 -15.24
C LYS A 24 -23.62 10.30 -16.10
N VAL A 25 -23.60 11.16 -17.12
CA VAL A 25 -22.44 11.28 -17.99
C VAL A 25 -22.17 12.77 -18.21
N GLN A 26 -20.95 13.20 -17.93
CA GLN A 26 -20.55 14.57 -18.26
C GLN A 26 -19.99 14.58 -19.67
N PHE A 27 -20.41 15.55 -20.48
CA PHE A 27 -20.13 15.48 -21.90
C PHE A 27 -19.77 16.84 -22.46
N GLN A 28 -18.68 16.88 -23.23
CA GLN A 28 -18.33 18.06 -24.01
C GLN A 28 -18.22 17.65 -25.47
N GLY A 29 -19.04 18.26 -26.32
CA GLY A 29 -18.98 18.02 -27.74
C GLY A 29 -17.71 18.59 -28.34
N GLY A 30 -17.56 18.39 -29.63
CA GLY A 30 -16.44 19.02 -30.30
C GLY A 30 -15.90 18.20 -31.45
N GLY A 31 -16.54 17.08 -31.75
CA GLY A 31 -16.16 16.28 -32.89
C GLY A 31 -16.82 14.92 -32.85
N PRO A 32 -16.81 14.22 -33.98
CA PRO A 32 -17.50 12.93 -34.06
C PRO A 32 -16.81 11.83 -33.27
N HIS A 33 -15.52 11.95 -32.99
CA HIS A 33 -14.83 10.95 -32.20
C HIS A 33 -14.56 11.48 -30.81
N ALA A 34 -14.52 10.57 -29.83
CA ALA A 34 -14.55 10.97 -28.44
C ALA A 34 -13.44 10.31 -27.65
N VAL A 35 -13.00 11.00 -26.61
CA VAL A 35 -12.14 10.43 -25.59
C VAL A 35 -13.04 10.05 -24.42
N TYR A 36 -13.05 8.75 -24.06
CA TYR A 36 -13.76 8.26 -22.89
C TYR A 36 -12.79 8.38 -21.71
N LEU A 37 -13.09 9.26 -20.76
CA LEU A 37 -12.21 9.46 -19.61
C LEU A 37 -12.75 8.67 -18.43
N LEU A 38 -12.10 7.55 -18.12
CA LEU A 38 -12.55 6.67 -17.05
C LEU A 38 -11.96 7.09 -15.71
N ASP A 39 -12.72 6.87 -14.63
CA ASP A 39 -12.37 7.34 -13.29
C ASP A 39 -11.49 6.34 -12.54
N GLY A 40 -11.03 6.72 -11.35
CA GLY A 40 -10.26 5.83 -10.49
C GLY A 40 -11.13 4.96 -9.60
N LEU A 41 -10.49 4.35 -8.61
CA LEU A 41 -11.14 3.37 -7.74
C LEU A 41 -12.28 3.99 -6.92
N ARG A 42 -12.13 5.24 -6.49
CA ARG A 42 -13.10 5.86 -5.60
C ARG A 42 -14.05 6.77 -6.35
N ALA A 43 -14.45 6.36 -7.55
CA ALA A 43 -15.38 7.15 -8.36
C ALA A 43 -16.62 7.54 -7.55
N GLN A 44 -16.95 8.83 -7.61
CA GLN A 44 -18.09 9.37 -6.89
C GLN A 44 -19.32 9.39 -7.79
N ASP A 45 -20.49 9.52 -7.17
CA ASP A 45 -21.72 9.52 -7.94
C ASP A 45 -22.14 10.89 -8.43
N ASP A 46 -21.41 11.96 -8.10
CA ASP A 46 -21.81 13.29 -8.55
C ASP A 46 -21.02 13.76 -9.77
N TYR A 47 -19.69 13.68 -9.72
CA TYR A 47 -18.85 14.10 -10.82
C TYR A 47 -17.69 13.14 -10.98
N ASN A 48 -17.22 13.01 -12.23
CA ASN A 48 -16.05 12.21 -12.56
C ASN A 48 -14.78 12.84 -11.98
N GLY A 49 -13.88 12.00 -11.46
CA GLY A 49 -12.66 12.52 -10.85
C GLY A 49 -11.79 13.35 -11.78
N TRP A 50 -11.84 13.08 -13.09
CA TRP A 50 -11.11 13.95 -14.02
C TRP A 50 -11.61 15.39 -13.93
N ASP A 51 -12.91 15.57 -13.78
CA ASP A 51 -13.43 16.93 -13.70
C ASP A 51 -13.17 17.56 -12.34
N ILE A 52 -13.25 16.76 -11.29
CA ILE A 52 -13.00 17.29 -9.95
C ILE A 52 -11.57 17.77 -9.83
N ASN A 53 -10.62 17.02 -10.40
CA ASN A 53 -9.22 17.22 -10.08
C ASN A 53 -8.37 17.84 -11.18
N THR A 54 -8.89 17.98 -12.40
CA THR A 54 -8.06 18.41 -13.52
C THR A 54 -8.83 19.37 -14.40
N PRO A 55 -8.14 20.13 -15.27
CA PRO A 55 -8.83 20.93 -16.28
C PRO A 55 -9.03 20.18 -17.60
N ALA A 56 -9.33 18.88 -17.51
CA ALA A 56 -9.45 18.02 -18.69
C ALA A 56 -10.36 18.63 -19.75
N PHE A 57 -11.56 19.07 -19.36
CA PHE A 57 -12.47 19.63 -20.36
C PHE A 57 -11.86 20.85 -21.03
N GLU A 58 -11.31 21.78 -20.23
CA GLU A 58 -10.70 22.97 -20.81
C GLU A 58 -9.54 22.60 -21.72
N GLU A 59 -8.77 21.58 -21.35
CA GLU A 59 -7.61 21.23 -22.13
C GLU A 59 -7.98 20.65 -23.49
N TYR A 60 -9.14 19.99 -23.58
CA TYR A 60 -9.59 19.39 -24.83
C TYR A 60 -10.67 20.21 -25.53
N TYR A 61 -11.03 21.36 -24.98
CA TYR A 61 -11.92 22.28 -25.68
C TYR A 61 -11.30 22.70 -27.01
N GLN A 62 -12.10 22.62 -28.08
CA GLN A 62 -11.65 22.97 -29.44
C GLN A 62 -10.52 22.06 -29.94
N SER A 63 -10.41 20.85 -29.38
CA SER A 63 -9.44 19.88 -29.87
C SER A 63 -9.92 19.13 -31.09
N GLY A 64 -11.18 19.27 -31.48
CA GLY A 64 -11.74 18.43 -32.52
C GLY A 64 -12.17 17.07 -32.02
N LEU A 65 -12.13 16.85 -30.70
CA LEU A 65 -12.56 15.61 -30.07
C LEU A 65 -13.64 15.92 -29.05
N SER A 66 -14.68 15.07 -28.99
CA SER A 66 -15.60 15.13 -27.86
C SER A 66 -14.94 14.49 -26.64
N VAL A 67 -15.45 14.84 -25.46
CA VAL A 67 -14.94 14.28 -24.21
C VAL A 67 -16.11 13.71 -23.43
N ILE A 68 -15.99 12.44 -23.03
CA ILE A 68 -17.06 11.74 -22.33
C ILE A 68 -16.52 11.32 -20.97
N MET A 69 -17.18 11.76 -19.90
CA MET A 69 -16.80 11.40 -18.54
C MET A 69 -17.97 10.69 -17.88
N PRO A 70 -18.03 9.37 -17.90
CA PRO A 70 -19.09 8.69 -17.14
C PRO A 70 -18.91 8.91 -15.66
N VAL A 71 -20.03 8.97 -14.95
CA VAL A 71 -20.04 9.25 -13.51
C VAL A 71 -20.50 8.00 -12.78
N GLY A 72 -19.78 7.64 -11.73
CA GLY A 72 -20.18 6.55 -10.85
C GLY A 72 -19.33 5.32 -11.08
N GLY A 73 -19.78 4.20 -10.50
CA GLY A 73 -19.04 2.95 -10.65
C GLY A 73 -17.87 2.79 -9.71
N GLN A 74 -17.99 3.29 -8.48
CA GLN A 74 -16.95 3.06 -7.48
C GLN A 74 -16.54 1.59 -7.47
N SER A 75 -15.23 1.36 -7.58
CA SER A 75 -14.61 0.04 -7.52
C SER A 75 -15.11 -0.90 -8.61
N SER A 76 -15.70 -0.39 -9.68
CA SER A 76 -16.35 -1.26 -10.66
C SER A 76 -15.38 -1.89 -11.65
N PHE A 77 -14.18 -1.34 -11.78
CA PHE A 77 -13.22 -1.72 -12.82
C PHE A 77 -13.80 -1.58 -14.23
N TYR A 78 -14.90 -0.84 -14.36
CA TYR A 78 -15.61 -0.66 -15.64
C TYR A 78 -15.82 -1.98 -16.36
N THR A 79 -16.21 -2.98 -15.59
CA THR A 79 -16.36 -4.32 -16.12
C THR A 79 -17.80 -4.80 -15.86
N ASP A 80 -18.18 -5.90 -16.49
CA ASP A 80 -19.44 -6.57 -16.16
C ASP A 80 -19.16 -7.54 -15.02
N TRP A 81 -19.87 -7.37 -13.90
CA TRP A 81 -19.75 -8.23 -12.73
C TRP A 81 -20.64 -9.45 -12.87
N TYR A 82 -20.27 -10.54 -12.17
CA TYR A 82 -21.14 -11.71 -12.15
C TYR A 82 -22.40 -11.45 -11.34
N GLN A 83 -22.29 -10.73 -10.23
CA GLN A 83 -23.41 -10.60 -9.31
C GLN A 83 -23.24 -9.33 -8.50
N PRO A 84 -24.27 -8.89 -7.77
CA PRO A 84 -24.10 -7.71 -6.92
C PRO A 84 -23.04 -7.97 -5.87
N SER A 85 -22.35 -6.90 -5.50
CA SER A 85 -21.34 -7.00 -4.46
C SER A 85 -22.02 -7.39 -3.15
N GLN A 86 -21.63 -8.54 -2.62
CA GLN A 86 -22.41 -9.13 -1.54
C GLN A 86 -22.23 -8.39 -0.23
N SER A 87 -21.00 -7.98 0.06
CA SER A 87 -20.67 -7.49 1.41
C SER A 87 -21.32 -6.14 1.71
N ASN A 88 -21.58 -5.30 0.71
CA ASN A 88 -21.94 -3.92 1.01
C ASN A 88 -23.37 -3.57 0.62
N GLY A 89 -24.21 -4.56 0.38
CA GLY A 89 -25.62 -4.28 0.14
C GLY A 89 -25.94 -3.70 -1.21
N GLN A 90 -25.03 -3.79 -2.18
CA GLN A 90 -25.37 -3.40 -3.55
C GLN A 90 -26.59 -4.19 -4.03
N ASN A 91 -27.59 -3.49 -4.56
CA ASN A 91 -28.85 -4.14 -4.92
C ASN A 91 -29.00 -4.33 -6.43
N TYR A 92 -27.91 -4.25 -7.17
CA TYR A 92 -27.94 -4.56 -8.59
C TYR A 92 -26.55 -5.01 -8.99
N THR A 93 -26.43 -5.50 -10.21
CA THR A 93 -25.16 -6.00 -10.73
C THR A 93 -24.56 -4.94 -11.65
N TYR A 94 -23.32 -4.53 -11.35
CA TYR A 94 -22.58 -3.66 -12.24
C TYR A 94 -22.45 -4.31 -13.62
N LYS A 95 -22.79 -3.57 -14.67
CA LYS A 95 -22.60 -4.02 -16.05
C LYS A 95 -21.97 -2.87 -16.85
N TRP A 96 -20.80 -2.43 -16.38
CA TRP A 96 -20.21 -1.21 -16.94
C TRP A 96 -19.58 -1.44 -18.31
N GLU A 97 -19.12 -2.66 -18.61
CA GLU A 97 -18.63 -2.92 -19.96
C GLU A 97 -19.78 -2.88 -20.96
N THR A 98 -20.92 -3.52 -20.62
CA THR A 98 -22.11 -3.40 -21.47
C THR A 98 -22.51 -1.95 -21.65
N PHE A 99 -22.48 -1.17 -20.57
CA PHE A 99 -22.87 0.23 -20.69
C PHE A 99 -21.91 0.98 -21.62
N LEU A 100 -20.61 0.78 -21.45
CA LEU A 100 -19.63 1.56 -22.22
C LEU A 100 -19.58 1.14 -23.68
N THR A 101 -19.86 -0.11 -24.00
CA THR A 101 -19.67 -0.61 -25.37
C THR A 101 -20.98 -0.74 -26.13
N ARG A 102 -22.12 -0.68 -25.45
CA ARG A 102 -23.38 -0.85 -26.14
C ARG A 102 -24.32 0.31 -25.84
N GLU A 103 -24.64 0.51 -24.57
CA GLU A 103 -25.74 1.42 -24.22
C GLU A 103 -25.34 2.88 -24.41
N MET A 104 -24.19 3.29 -23.85
CA MET A 104 -23.81 4.69 -23.95
C MET A 104 -23.47 5.09 -25.39
N PRO A 105 -22.67 4.32 -26.15
CA PRO A 105 -22.39 4.78 -27.52
C PRO A 105 -23.62 4.83 -28.39
N ALA A 106 -24.59 3.94 -28.20
CA ALA A 106 -25.82 4.05 -28.96
C ALA A 106 -26.52 5.37 -28.66
N TRP A 107 -26.57 5.75 -27.37
CA TRP A 107 -27.28 6.95 -26.97
C TRP A 107 -26.59 8.18 -27.51
N LEU A 108 -25.26 8.22 -27.41
CA LEU A 108 -24.51 9.39 -27.90
C LEU A 108 -24.53 9.48 -29.41
N GLN A 109 -24.58 8.35 -30.11
CA GLN A 109 -24.73 8.40 -31.56
C GLN A 109 -26.08 9.00 -31.96
N ALA A 110 -27.16 8.44 -31.41
CA ALA A 110 -28.49 8.90 -31.79
C ALA A 110 -28.69 10.38 -31.48
N ASN A 111 -28.25 10.81 -30.29
CA ASN A 111 -28.64 12.14 -29.82
C ASN A 111 -27.58 13.21 -30.03
N LYS A 112 -26.30 12.83 -30.12
CA LYS A 112 -25.21 13.78 -30.24
C LYS A 112 -24.44 13.65 -31.54
N GLY A 113 -24.63 12.58 -32.30
CA GLY A 113 -23.81 12.35 -33.47
C GLY A 113 -22.39 11.93 -33.16
N VAL A 114 -22.14 11.38 -31.98
CA VAL A 114 -20.84 10.83 -31.65
C VAL A 114 -20.72 9.45 -32.29
N SER A 115 -19.66 9.23 -33.03
CA SER A 115 -19.48 7.95 -33.70
C SER A 115 -19.28 6.83 -32.68
N PRO A 116 -19.94 5.69 -32.83
CA PRO A 116 -19.65 4.56 -31.92
C PRO A 116 -18.33 3.88 -32.22
N THR A 117 -17.67 4.20 -33.32
CA THR A 117 -16.38 3.60 -33.64
C THR A 117 -15.32 4.70 -33.70
N GLY A 118 -14.07 4.28 -33.54
CA GLY A 118 -12.95 5.20 -33.72
C GLY A 118 -12.74 6.16 -32.57
N ASN A 119 -12.88 5.69 -31.34
CA ASN A 119 -12.76 6.49 -30.12
C ASN A 119 -11.56 6.06 -29.31
N ALA A 120 -11.29 6.80 -28.25
CA ALA A 120 -10.15 6.52 -27.38
C ALA A 120 -10.67 6.24 -25.99
N ALA A 121 -10.11 5.21 -25.36
CA ALA A 121 -10.41 4.91 -23.95
C ALA A 121 -9.19 5.29 -23.13
N VAL A 122 -9.38 6.16 -22.14
CA VAL A 122 -8.29 6.62 -21.30
C VAL A 122 -8.64 6.32 -19.86
N GLY A 123 -7.80 5.54 -19.19
CA GLY A 123 -8.06 5.16 -17.81
C GLY A 123 -6.83 5.43 -16.95
N LEU A 124 -7.06 5.49 -15.64
CA LEU A 124 -5.98 5.70 -14.71
C LEU A 124 -6.23 4.82 -13.50
N SER A 125 -5.14 4.42 -12.84
CA SER A 125 -5.25 3.57 -11.66
C SER A 125 -6.14 2.37 -11.97
N MET A 126 -7.19 2.18 -11.18
CA MET A 126 -8.18 1.12 -11.43
C MET A 126 -8.53 0.95 -12.91
N SER A 127 -8.86 2.05 -13.59
CA SER A 127 -9.37 1.95 -14.94
C SER A 127 -8.28 1.96 -16.01
N GLY A 128 -7.01 2.05 -15.63
CA GLY A 128 -5.95 1.93 -16.64
C GLY A 128 -6.02 0.60 -17.35
N GLY A 129 -6.09 -0.49 -16.58
CA GLY A 129 -6.26 -1.80 -17.20
C GLY A 129 -7.58 -1.91 -17.93
N SER A 130 -8.63 -1.30 -17.38
CA SER A 130 -9.95 -1.34 -18.02
C SER A 130 -9.87 -0.79 -19.43
N ALA A 131 -9.15 0.32 -19.62
CA ALA A 131 -9.08 0.93 -20.95
C ALA A 131 -8.41 0.00 -21.94
N LEU A 132 -7.33 -0.66 -21.52
CA LEU A 132 -6.66 -1.62 -22.40
C LEU A 132 -7.57 -2.80 -22.71
N ILE A 133 -8.33 -3.28 -21.72
CA ILE A 133 -9.22 -4.42 -21.96
C ILE A 133 -10.33 -4.02 -22.93
N LEU A 134 -10.87 -2.82 -22.77
CA LEU A 134 -11.87 -2.34 -23.72
C LEU A 134 -11.33 -2.33 -25.15
N ALA A 135 -10.09 -1.88 -25.34
CA ALA A 135 -9.52 -1.87 -26.68
C ALA A 135 -9.21 -3.28 -27.16
N ALA A 136 -8.86 -4.18 -26.23
CA ALA A 136 -8.54 -5.55 -26.62
C ALA A 136 -9.75 -6.26 -27.22
N TYR A 137 -10.93 -6.07 -26.62
CA TYR A 137 -12.12 -6.81 -27.05
C TYR A 137 -13.05 -6.03 -27.97
N TYR A 138 -12.91 -4.71 -28.02
CA TYR A 138 -13.76 -3.84 -28.84
C TYR A 138 -12.89 -2.93 -29.69
N PRO A 139 -12.08 -3.51 -30.60
CA PRO A 139 -11.12 -2.68 -31.34
C PRO A 139 -11.76 -1.70 -32.30
N GLN A 140 -12.94 -2.00 -32.87
CA GLN A 140 -13.56 -0.99 -33.74
C GLN A 140 -13.99 0.22 -32.92
N GLN A 141 -14.47 0.00 -31.70
CA GLN A 141 -14.85 1.14 -30.87
C GLN A 141 -13.64 1.91 -30.38
N PHE A 142 -12.56 1.21 -30.03
CA PHE A 142 -11.40 1.82 -29.37
C PHE A 142 -10.10 1.44 -30.07
N PRO A 143 -9.77 2.11 -31.18
CA PRO A 143 -8.43 1.92 -31.77
C PRO A 143 -7.33 2.53 -30.92
N TYR A 144 -7.66 3.32 -29.92
CA TYR A 144 -6.69 4.01 -29.06
C TYR A 144 -7.03 3.71 -27.61
N ALA A 145 -6.02 3.37 -26.81
CA ALA A 145 -6.27 3.16 -25.39
C ALA A 145 -5.07 3.66 -24.60
N ALA A 146 -5.34 4.37 -23.51
CA ALA A 146 -4.28 4.81 -22.62
C ALA A 146 -4.51 4.26 -21.22
N SER A 147 -3.43 3.83 -20.59
CA SER A 147 -3.43 3.35 -19.20
C SER A 147 -2.44 4.19 -18.42
N LEU A 148 -2.94 4.98 -17.47
CA LEU A 148 -2.11 5.83 -16.64
C LEU A 148 -2.01 5.20 -15.25
N SER A 149 -0.84 4.66 -14.93
CA SER A 149 -0.59 4.06 -13.62
C SER A 149 -1.59 2.92 -13.36
N GLY A 150 -1.85 2.13 -14.39
CA GLY A 150 -2.81 1.05 -14.25
C GLY A 150 -2.19 -0.19 -13.62
N PHE A 151 -3.06 -1.14 -13.28
CA PHE A 151 -2.67 -2.41 -12.65
C PHE A 151 -2.82 -3.48 -13.72
N LEU A 152 -1.72 -3.79 -14.39
CA LEU A 152 -1.78 -4.41 -15.70
C LEU A 152 -1.62 -5.94 -15.69
N ASN A 153 -1.55 -6.57 -14.52
CA ASN A 153 -1.48 -8.03 -14.44
C ASN A 153 -2.36 -8.52 -13.28
N PRO A 154 -3.66 -8.18 -13.30
CA PRO A 154 -4.49 -8.41 -12.10
C PRO A 154 -4.70 -9.88 -11.75
N SER A 155 -4.50 -10.80 -12.68
CA SER A 155 -4.69 -12.20 -12.37
C SER A 155 -3.44 -12.87 -11.82
N GLU A 156 -2.30 -12.17 -11.78
CA GLU A 156 -1.03 -12.83 -11.48
C GLU A 156 -0.61 -12.66 -10.03
N GLY A 157 -0.07 -13.73 -9.46
CA GLY A 157 0.63 -13.60 -8.18
C GLY A 157 -0.29 -13.13 -7.07
N TRP A 158 0.16 -12.11 -6.33
CA TRP A 158 -0.62 -11.56 -5.23
C TRP A 158 -1.66 -10.53 -5.70
N TRP A 159 -1.70 -10.18 -6.98
CA TRP A 159 -2.60 -9.10 -7.38
C TRP A 159 -4.07 -9.37 -7.09
N PRO A 160 -4.62 -10.57 -7.29
CA PRO A 160 -6.03 -10.75 -6.91
C PRO A 160 -6.29 -10.45 -5.44
N THR A 161 -5.35 -10.82 -4.56
CA THR A 161 -5.49 -10.51 -3.14
C THR A 161 -5.42 -9.02 -2.90
N LEU A 162 -4.42 -8.35 -3.49
CA LEU A 162 -4.29 -6.90 -3.31
C LEU A 162 -5.49 -6.17 -3.86
N ILE A 163 -5.98 -6.59 -5.03
CA ILE A 163 -7.17 -5.96 -5.59
C ILE A 163 -8.38 -6.19 -4.69
N GLY A 164 -8.53 -7.42 -4.19
CA GLY A 164 -9.62 -7.69 -3.26
C GLY A 164 -9.57 -6.80 -2.03
N LEU A 165 -8.36 -6.60 -1.47
CA LEU A 165 -8.21 -5.74 -0.30
C LEU A 165 -8.60 -4.31 -0.62
N ALA A 166 -8.09 -3.77 -1.74
CA ALA A 166 -8.37 -2.38 -2.07
C ALA A 166 -9.85 -2.14 -2.34
N MET A 167 -10.50 -3.09 -3.02
CA MET A 167 -11.93 -2.93 -3.29
C MET A 167 -12.75 -3.01 -2.02
N ASN A 168 -12.36 -3.87 -1.08
CA ASN A 168 -13.08 -3.93 0.19
C ASN A 168 -12.86 -2.66 1.01
N ASP A 169 -11.67 -2.05 0.90
CA ASP A 169 -11.39 -0.82 1.64
C ASP A 169 -12.07 0.40 1.03
N SER A 170 -12.30 0.39 -0.27
CA SER A 170 -12.96 1.49 -0.97
C SER A 170 -14.42 1.15 -1.22
N GLY A 171 -15.20 1.20 -0.14
CA GLY A 171 -16.63 1.04 -0.22
C GLY A 171 -17.14 -0.36 0.07
N GLY A 172 -16.28 -1.28 0.48
CA GLY A 172 -16.74 -2.61 0.83
C GLY A 172 -17.11 -3.49 -0.34
N TYR A 173 -16.54 -3.24 -1.52
CA TYR A 173 -16.86 -4.02 -2.71
C TYR A 173 -16.08 -5.34 -2.73
N ASN A 174 -16.69 -6.35 -3.34
CA ASN A 174 -16.21 -7.74 -3.27
C ASN A 174 -15.67 -8.16 -4.64
N ALA A 175 -14.34 -8.30 -4.75
CA ALA A 175 -13.73 -8.67 -6.02
C ALA A 175 -14.23 -10.03 -6.50
N ASN A 176 -14.64 -10.92 -5.60
CA ASN A 176 -15.14 -12.21 -6.07
C ASN A 176 -16.53 -12.11 -6.67
N SER A 177 -17.35 -11.14 -6.24
CA SER A 177 -18.60 -10.88 -6.94
C SER A 177 -18.36 -10.35 -8.36
N MET A 178 -17.21 -9.72 -8.58
CA MET A 178 -16.85 -9.12 -9.86
C MET A 178 -16.40 -10.19 -10.86
N TRP A 179 -15.27 -10.84 -10.61
CA TRP A 179 -14.71 -11.79 -11.56
C TRP A 179 -14.66 -13.21 -11.02
N GLY A 180 -15.38 -13.50 -9.92
CA GLY A 180 -15.44 -14.84 -9.38
C GLY A 180 -14.22 -15.18 -8.54
N PRO A 181 -14.09 -16.45 -8.17
CA PRO A 181 -12.86 -16.91 -7.51
C PRO A 181 -11.67 -16.67 -8.44
N SER A 182 -10.47 -16.63 -7.87
CA SER A 182 -9.28 -16.29 -8.67
CA SER A 182 -9.31 -16.27 -8.69
C SER A 182 -9.06 -17.24 -9.83
N SER A 183 -9.53 -18.49 -9.73
CA SER A 183 -9.36 -19.39 -10.86
C SER A 183 -10.50 -19.30 -11.88
N ASP A 184 -11.47 -18.41 -11.67
CA ASP A 184 -12.51 -18.21 -12.68
C ASP A 184 -11.89 -17.58 -13.92
N PRO A 185 -12.34 -17.97 -15.12
CA PRO A 185 -11.76 -17.40 -16.36
C PRO A 185 -11.81 -15.89 -16.43
N ALA A 186 -12.72 -15.23 -15.70
CA ALA A 186 -12.86 -13.77 -15.82
C ALA A 186 -11.60 -13.04 -15.40
N TRP A 187 -10.81 -13.61 -14.48
CA TRP A 187 -9.57 -12.94 -14.08
C TRP A 187 -8.58 -12.83 -15.23
N LYS A 188 -8.30 -13.95 -15.92
CA LYS A 188 -7.39 -13.82 -17.05
C LYS A 188 -8.02 -13.06 -18.21
N ARG A 189 -9.35 -13.20 -18.40
CA ARG A 189 -10.02 -12.49 -19.48
C ARG A 189 -9.79 -10.99 -19.38
N ASN A 190 -9.79 -10.45 -18.16
CA ASN A 190 -9.68 -9.02 -17.92
C ASN A 190 -8.28 -8.59 -17.51
N ASP A 191 -7.28 -9.40 -17.83
CA ASP A 191 -5.91 -9.12 -17.46
C ASP A 191 -5.19 -8.58 -18.68
N PRO A 192 -4.83 -7.28 -18.71
CA PRO A 192 -4.19 -6.73 -19.92
C PRO A 192 -2.92 -7.45 -20.34
N MET A 193 -2.08 -7.86 -19.38
CA MET A 193 -0.90 -8.65 -19.72
C MET A 193 -1.29 -9.90 -20.51
N VAL A 194 -2.31 -10.60 -20.04
CA VAL A 194 -2.73 -11.82 -20.71
C VAL A 194 -3.25 -11.51 -22.10
N GLN A 195 -3.89 -10.35 -22.26
CA GLN A 195 -4.55 -9.99 -23.51
C GLN A 195 -3.66 -9.21 -24.46
N ILE A 196 -2.36 -9.12 -24.17
CA ILE A 196 -1.43 -8.42 -25.05
C ILE A 196 -1.54 -8.95 -26.47
N PRO A 197 -1.66 -10.27 -26.71
CA PRO A 197 -1.83 -10.71 -28.11
C PRO A 197 -3.03 -10.12 -28.82
N ARG A 198 -4.10 -9.78 -28.10
CA ARG A 198 -5.22 -9.10 -28.75
C ARG A 198 -4.86 -7.68 -29.13
N LEU A 199 -4.17 -6.96 -28.24
CA LEU A 199 -3.75 -5.60 -28.55
C LEU A 199 -2.83 -5.58 -29.76
N VAL A 200 -1.94 -6.57 -29.86
CA VAL A 200 -1.05 -6.65 -31.01
C VAL A 200 -1.83 -6.99 -32.27
N ALA A 201 -2.72 -7.97 -32.18
CA ALA A 201 -3.48 -8.39 -33.36
C ALA A 201 -4.33 -7.24 -33.89
N ASN A 202 -4.86 -6.42 -32.99
CA ASN A 202 -5.69 -5.28 -33.36
C ASN A 202 -4.87 -4.08 -33.81
N ASN A 203 -3.55 -4.11 -33.60
CA ASN A 203 -2.67 -2.96 -33.82
C ASN A 203 -3.19 -1.74 -33.07
N THR A 204 -3.74 -1.99 -31.87
CA THR A 204 -4.23 -0.91 -31.02
C THR A 204 -3.10 0.10 -30.77
N ARG A 205 -3.41 1.40 -30.87
CA ARG A 205 -2.47 2.42 -30.42
C ARG A 205 -2.59 2.52 -28.90
N ILE A 206 -1.53 2.14 -28.17
CA ILE A 206 -1.59 2.15 -26.72
C ILE A 206 -0.61 3.17 -26.17
N TRP A 207 -1.02 3.84 -25.09
CA TRP A 207 -0.22 4.84 -24.40
C TRP A 207 -0.17 4.38 -22.95
N VAL A 208 1.01 3.97 -22.48
CA VAL A 208 1.15 3.36 -21.17
C VAL A 208 2.12 4.22 -20.36
N TYR A 209 1.64 4.75 -19.24
CA TYR A 209 2.41 5.65 -18.38
C TYR A 209 2.47 5.07 -16.98
N CYS A 210 3.63 5.23 -16.34
CA CYS A 210 3.69 4.99 -14.90
C CYS A 210 4.86 5.79 -14.34
N GLY A 211 4.62 6.50 -13.24
CA GLY A 211 5.70 7.21 -12.56
C GLY A 211 6.52 6.26 -11.71
N ASN A 212 7.50 6.83 -11.02
CA ASN A 212 8.43 6.02 -10.23
C ASN A 212 8.27 6.21 -8.73
N GLY A 213 7.32 7.04 -8.28
CA GLY A 213 7.10 7.26 -6.87
C GLY A 213 7.69 8.54 -6.33
N THR A 214 8.49 9.27 -7.12
CA THR A 214 9.13 10.47 -6.63
C THR A 214 8.34 11.70 -7.05
N PRO A 215 7.83 12.49 -6.12
CA PRO A 215 7.05 13.67 -6.51
C PRO A 215 7.93 14.75 -7.12
N SER A 216 7.32 15.53 -8.02
CA SER A 216 7.89 16.78 -8.51
C SER A 216 7.11 17.95 -7.92
N ASP A 217 7.35 19.16 -8.46
CA ASP A 217 6.56 20.30 -8.02
C ASP A 217 5.08 20.18 -8.40
N LEU A 218 4.71 19.18 -9.21
CA LEU A 218 3.29 18.93 -9.49
C LEU A 218 2.53 18.50 -8.23
N GLY A 219 3.22 17.99 -7.23
CA GLY A 219 2.57 17.68 -5.96
C GLY A 219 2.29 16.21 -5.79
N GLY A 220 1.18 15.87 -5.16
CA GLY A 220 0.90 14.47 -4.88
C GLY A 220 1.91 13.84 -3.95
N ASP A 221 2.47 14.62 -3.02
CA ASP A 221 3.52 14.15 -2.12
C ASP A 221 2.88 13.62 -0.84
N ASN A 222 2.45 12.38 -0.91
CA ASN A 222 1.99 11.64 0.26
C ASN A 222 2.39 10.19 0.07
N ILE A 223 2.53 9.47 1.18
CA ILE A 223 3.11 8.14 1.14
C ILE A 223 2.26 7.17 0.33
N PRO A 224 0.93 7.10 0.49
CA PRO A 224 0.18 6.15 -0.34
C PRO A 224 0.36 6.40 -1.83
N ALA A 225 0.39 7.66 -2.25
CA ALA A 225 0.58 7.94 -3.68
C ALA A 225 1.98 7.53 -4.13
N LYS A 226 2.98 7.75 -3.30
CA LYS A 226 4.33 7.30 -3.66
C LYS A 226 4.41 5.78 -3.71
N PHE A 227 3.86 5.11 -2.70
CA PHE A 227 3.93 3.65 -2.61
C PHE A 227 3.23 2.98 -3.77
N LEU A 228 1.99 3.39 -4.06
CA LEU A 228 1.24 2.74 -5.12
C LEU A 228 1.93 2.89 -6.47
N GLU A 229 2.52 4.05 -6.72
CA GLU A 229 3.15 4.24 -8.03
C GLU A 229 4.37 3.35 -8.18
N GLY A 230 5.20 3.29 -7.14
CA GLY A 230 6.37 2.41 -7.20
C GLY A 230 5.98 0.95 -7.29
N LEU A 231 4.88 0.58 -6.64
CA LEU A 231 4.42 -0.81 -6.69
C LEU A 231 4.02 -1.21 -8.10
N THR A 232 3.17 -0.41 -8.75
CA THR A 232 2.69 -0.86 -10.05
C THR A 232 3.67 -0.57 -11.19
N LEU A 233 4.74 0.20 -10.93
CA LEU A 233 5.73 0.45 -11.98
C LEU A 233 6.33 -0.85 -12.50
N ARG A 234 6.64 -1.78 -11.59
CA ARG A 234 7.27 -3.03 -12.01
C ARG A 234 6.39 -3.79 -12.99
N THR A 235 5.09 -3.87 -12.68
CA THR A 235 4.14 -4.50 -13.58
C THR A 235 4.08 -3.79 -14.92
N ASN A 236 4.16 -2.45 -14.89
CA ASN A 236 4.09 -1.70 -16.15
C ASN A 236 5.33 -1.92 -17.00
N GLN A 237 6.50 -2.00 -16.38
CA GLN A 237 7.71 -2.32 -17.12
C GLN A 237 7.64 -3.73 -17.71
N THR A 238 7.14 -4.70 -16.94
CA THR A 238 6.95 -6.05 -17.47
C THR A 238 5.98 -6.04 -18.64
N PHE A 239 4.92 -5.24 -18.53
CA PHE A 239 3.95 -5.14 -19.63
C PHE A 239 4.63 -4.63 -20.89
N ARG A 240 5.44 -3.57 -20.75
CA ARG A 240 6.17 -3.07 -21.89
C ARG A 240 7.05 -4.14 -22.53
N ASP A 241 7.77 -4.90 -21.71
CA ASP A 241 8.64 -5.96 -22.24
C ASP A 241 7.85 -7.05 -22.95
N THR A 242 6.74 -7.46 -22.35
CA THR A 242 5.93 -8.52 -22.93
C THR A 242 5.25 -8.07 -24.21
N TYR A 243 4.80 -6.81 -24.25
CA TYR A 243 4.22 -6.25 -25.48
C TYR A 243 5.23 -6.29 -26.63
N ALA A 244 6.45 -5.83 -26.38
CA ALA A 244 7.48 -5.84 -27.42
C ALA A 244 7.82 -7.26 -27.83
N ALA A 245 7.96 -8.17 -26.86
CA ALA A 245 8.30 -9.55 -27.17
C ALA A 245 7.19 -10.25 -27.96
N ASP A 246 5.94 -9.81 -27.81
CA ASP A 246 4.82 -10.41 -28.53
C ASP A 246 4.57 -9.74 -29.88
N GLY A 247 5.46 -8.87 -30.33
CA GLY A 247 5.32 -8.24 -31.64
C GLY A 247 4.64 -6.89 -31.62
N GLY A 248 4.38 -6.34 -30.44
CA GLY A 248 3.73 -5.03 -30.36
C GLY A 248 4.60 -3.94 -30.93
N ARG A 249 3.98 -3.08 -31.74
CA ARG A 249 4.75 -2.04 -32.44
C ARG A 249 4.00 -0.72 -32.51
N ASN A 250 2.97 -0.51 -31.69
CA ASN A 250 2.16 0.70 -31.79
C ASN A 250 1.94 1.30 -30.40
N GLY A 251 2.98 1.29 -29.57
CA GLY A 251 2.86 1.73 -28.19
C GLY A 251 3.76 2.91 -27.87
N VAL A 252 3.27 3.75 -26.97
CA VAL A 252 4.06 4.81 -26.34
C VAL A 252 4.20 4.43 -24.87
N PHE A 253 5.43 4.30 -24.39
CA PHE A 253 5.66 3.89 -23.00
C PHE A 253 6.42 5.01 -22.30
N ASN A 254 5.75 5.65 -21.33
CA ASN A 254 6.29 6.81 -20.63
C ASN A 254 6.57 6.43 -19.19
N PHE A 255 7.84 6.27 -18.84
CA PHE A 255 8.27 5.92 -17.49
C PHE A 255 9.31 6.94 -17.04
N PRO A 256 8.91 8.18 -16.78
CA PRO A 256 9.89 9.20 -16.37
C PRO A 256 10.29 8.98 -14.92
N PRO A 257 11.43 9.51 -14.50
CA PRO A 257 11.92 9.29 -13.14
C PRO A 257 11.25 10.18 -12.10
N ASN A 258 9.93 10.26 -12.14
CA ASN A 258 9.15 11.05 -11.21
C ASN A 258 7.71 10.62 -11.34
N GLY A 259 6.88 11.15 -10.44
CA GLY A 259 5.44 10.94 -10.55
C GLY A 259 4.94 10.05 -9.42
N THR A 260 3.82 10.45 -8.82
CA THR A 260 3.16 9.63 -7.82
C THR A 260 1.78 9.26 -8.34
N HIS A 261 1.07 8.43 -7.57
CA HIS A 261 -0.26 7.97 -7.95
C HIS A 261 -1.30 9.05 -7.62
N SER A 262 -1.29 10.12 -8.43
CA SER A 262 -2.08 11.30 -8.10
C SER A 262 -2.43 12.09 -9.36
N TRP A 263 -3.51 12.86 -9.25
CA TRP A 263 -4.12 13.49 -10.42
C TRP A 263 -3.22 14.46 -11.19
N PRO A 264 -2.31 15.22 -10.59
CA PRO A 264 -1.49 16.14 -11.41
C PRO A 264 -0.69 15.44 -12.49
N TYR A 265 -0.18 14.25 -12.21
CA TYR A 265 0.61 13.51 -13.19
C TYR A 265 -0.28 12.90 -14.26
N TRP A 266 -1.47 12.43 -13.87
CA TRP A 266 -2.40 11.91 -14.85
C TRP A 266 -2.87 13.02 -15.78
N ASN A 267 -3.10 14.22 -15.25
CA ASN A 267 -3.46 15.34 -16.10
C ASN A 267 -2.32 15.69 -17.06
N GLU A 268 -1.09 15.69 -16.55
CA GLU A 268 0.04 16.00 -17.42
C GLU A 268 0.11 15.02 -18.59
N GLN A 269 -0.21 13.74 -18.34
CA GLN A 269 -0.20 12.75 -19.41
C GLN A 269 -1.39 12.95 -20.35
N LEU A 270 -2.56 13.29 -19.82
CA LEU A 270 -3.71 13.57 -20.68
C LEU A 270 -3.41 14.71 -21.66
N VAL A 271 -2.79 15.78 -21.16
CA VAL A 271 -2.38 16.86 -22.04
C VAL A 271 -1.35 16.36 -23.06
N ALA A 272 -0.39 15.56 -22.59
CA ALA A 272 0.72 15.15 -23.47
C ALA A 272 0.24 14.27 -24.62
N MET A 273 -0.80 13.46 -24.39
CA MET A 273 -1.31 12.53 -25.39
C MET A 273 -2.31 13.18 -26.35
N LYS A 274 -2.68 14.44 -26.15
CA LYS A 274 -3.72 15.03 -26.97
C LYS A 274 -3.38 14.98 -28.46
N ALA A 275 -2.17 15.40 -28.82
CA ALA A 275 -1.81 15.39 -30.24
C ALA A 275 -1.80 13.97 -30.79
N ASP A 276 -1.37 13.01 -29.96
CA ASP A 276 -1.37 11.61 -30.37
C ASP A 276 -2.78 11.13 -30.68
N ILE A 277 -3.72 11.38 -29.76
CA ILE A 277 -5.12 11.01 -30.01
C ILE A 277 -5.65 11.71 -31.25
N GLN A 278 -5.37 13.01 -31.38
CA GLN A 278 -5.87 13.74 -32.53
C GLN A 278 -5.38 13.13 -33.83
N HIS A 279 -4.11 12.72 -33.87
CA HIS A 279 -3.54 12.15 -35.09
C HIS A 279 -4.11 10.77 -35.37
N VAL A 280 -4.27 9.94 -34.35
CA VAL A 280 -4.79 8.59 -34.57
C VAL A 280 -6.27 8.63 -34.94
N LEU A 281 -7.07 9.41 -34.21
CA LEU A 281 -8.53 9.36 -34.39
C LEU A 281 -9.04 10.26 -35.52
N ASN A 282 -8.39 11.41 -35.74
CA ASN A 282 -8.86 12.34 -36.77
C ASN A 282 -7.95 12.40 -38.00
N GLY A 283 -6.76 11.81 -37.93
CA GLY A 283 -5.88 11.78 -39.07
C GLY A 283 -4.77 12.81 -38.97
N LEU B 7 4.35 12.65 37.04
CA LEU B 7 5.01 11.68 36.18
C LEU B 7 6.41 12.15 35.80
N PRO B 8 7.43 11.43 36.25
CA PRO B 8 8.81 11.86 35.98
C PRO B 8 9.27 11.47 34.58
N VAL B 9 8.58 11.98 33.56
CA VAL B 9 9.02 11.75 32.18
C VAL B 9 10.26 12.59 31.93
N GLU B 10 11.30 11.97 31.37
CA GLU B 10 12.53 12.67 31.06
C GLU B 10 12.82 12.56 29.57
N TYR B 11 13.65 13.48 29.10
CA TYR B 11 14.11 13.46 27.72
C TYR B 11 15.63 13.40 27.76
N LEU B 12 16.19 12.25 27.37
CA LEU B 12 17.59 11.94 27.61
C LEU B 12 18.40 12.02 26.32
N GLN B 13 19.70 12.29 26.47
CA GLN B 13 20.66 12.25 25.37
C GLN B 13 21.65 11.13 25.67
N VAL B 14 21.59 10.05 24.91
CA VAL B 14 22.42 8.87 25.15
C VAL B 14 23.47 8.78 24.06
N PRO B 15 24.76 8.87 24.38
CA PRO B 15 25.79 8.78 23.34
C PRO B 15 25.80 7.42 22.67
N SER B 16 25.93 7.42 21.35
CA SER B 16 26.12 6.22 20.55
C SER B 16 27.49 6.31 19.89
N ALA B 17 28.45 5.51 20.40
CA ALA B 17 29.75 5.45 19.75
C ALA B 17 29.63 4.92 18.33
N SER B 18 28.72 3.96 18.11
CA SER B 18 28.63 3.28 16.82
C SER B 18 28.00 4.14 15.74
N MET B 19 27.13 5.07 16.10
CA MET B 19 26.56 6.00 15.13
C MET B 19 27.18 7.39 15.23
N GLY B 20 28.13 7.60 16.14
CA GLY B 20 28.84 8.86 16.23
C GLY B 20 28.01 10.05 16.64
N ARG B 21 26.97 9.85 17.44
CA ARG B 21 26.09 10.94 17.82
C ARG B 21 25.33 10.56 19.07
N ASP B 22 24.68 11.56 19.68
CA ASP B 22 23.75 11.31 20.76
C ASP B 22 22.41 10.86 20.18
N ILE B 23 21.84 9.81 20.73
CA ILE B 23 20.49 9.36 20.39
C ILE B 23 19.56 9.85 21.49
N LYS B 24 18.46 10.47 21.10
CA LYS B 24 17.51 10.96 22.10
C LYS B 24 16.62 9.81 22.56
N VAL B 25 16.28 9.80 23.85
CA VAL B 25 15.48 8.72 24.42
C VAL B 25 14.52 9.31 25.44
N GLN B 26 13.22 9.04 25.27
CA GLN B 26 12.24 9.42 26.27
C GLN B 26 12.17 8.34 27.34
N PHE B 27 12.09 8.76 28.61
CA PHE B 27 12.25 7.80 29.68
C PHE B 27 11.36 8.13 30.87
N GLN B 28 10.69 7.11 31.39
CA GLN B 28 9.96 7.24 32.66
C GLN B 28 10.42 6.12 33.59
N GLY B 29 11.11 6.49 34.66
CA GLY B 29 11.60 5.49 35.60
C GLY B 29 10.48 5.02 36.49
N GLY B 30 10.34 3.70 36.63
CA GLY B 30 9.33 3.14 37.50
C GLY B 30 9.63 1.76 38.02
N GLY B 31 10.88 1.32 37.89
CA GLY B 31 11.31 0.01 38.34
C GLY B 31 12.56 -0.42 37.62
N PRO B 32 13.20 -1.49 38.10
CA PRO B 32 14.47 -1.91 37.48
C PRO B 32 14.30 -2.43 36.07
N HIS B 33 13.15 -3.01 35.74
CA HIS B 33 12.92 -3.55 34.41
C HIS B 33 12.06 -2.60 33.59
N ALA B 34 12.26 -2.63 32.29
CA ALA B 34 11.71 -1.60 31.43
C ALA B 34 11.02 -2.21 30.22
N VAL B 35 10.03 -1.48 29.73
CA VAL B 35 9.40 -1.79 28.45
C VAL B 35 10.03 -0.85 27.42
N TYR B 36 10.68 -1.42 26.40
CA TYR B 36 11.19 -0.63 25.28
C TYR B 36 10.08 -0.51 24.25
N LEU B 37 9.60 0.71 24.01
CA LEU B 37 8.52 0.98 23.06
C LEU B 37 9.12 1.48 21.76
N LEU B 38 9.19 0.61 20.76
CA LEU B 38 9.79 0.96 19.48
C LEU B 38 8.75 1.63 18.58
N ASP B 39 9.23 2.48 17.68
CA ASP B 39 8.41 3.32 16.83
C ASP B 39 8.10 2.64 15.49
N GLY B 40 7.26 3.32 14.70
CA GLY B 40 6.90 2.84 13.37
C GLY B 40 7.89 3.29 12.31
N LEU B 41 7.49 3.07 11.06
CA LEU B 41 8.35 3.36 9.91
C LEU B 41 8.72 4.83 9.83
N ARG B 42 7.76 5.72 10.13
CA ARG B 42 7.97 7.17 9.98
C ARG B 42 8.48 7.83 11.26
N ALA B 43 9.31 7.15 12.04
CA ALA B 43 9.78 7.68 13.31
C ALA B 43 10.37 9.08 13.14
N GLN B 44 9.90 10.02 13.96
CA GLN B 44 10.36 11.40 13.90
C GLN B 44 11.58 11.59 14.79
N ASP B 45 12.28 12.72 14.58
CA ASP B 45 13.49 13.00 15.32
C ASP B 45 13.25 13.77 16.60
N ASP B 46 12.02 14.16 16.89
CA ASP B 46 11.73 14.90 18.11
C ASP B 46 11.12 14.01 19.19
N TYR B 47 10.07 13.26 18.85
CA TYR B 47 9.41 12.39 19.82
C TYR B 47 9.02 11.07 19.16
N ASN B 48 9.00 10.04 20.00
CA ASN B 48 8.60 8.70 19.61
C ASN B 48 7.08 8.66 19.41
N GLY B 49 6.64 7.87 18.42
CA GLY B 49 5.24 7.87 18.05
C GLY B 49 4.30 7.41 19.16
N TRP B 50 4.80 6.61 20.09
CA TRP B 50 3.98 6.24 21.25
C TRP B 50 3.59 7.46 22.07
N ASP B 51 4.51 8.42 22.23
CA ASP B 51 4.18 9.59 23.03
C ASP B 51 3.36 10.59 22.23
N ILE B 52 3.51 10.60 20.90
CA ILE B 52 2.71 11.49 20.08
C ILE B 52 1.25 11.05 20.05
N ASN B 53 1.02 9.74 20.02
CA ASN B 53 -0.29 9.22 19.65
C ASN B 53 -1.05 8.51 20.75
N THR B 54 -0.43 8.22 21.89
CA THR B 54 -1.06 7.37 22.89
C THR B 54 -0.77 7.90 24.28
N PRO B 55 -1.52 7.45 25.29
CA PRO B 55 -1.16 7.78 26.67
C PRO B 55 -0.28 6.72 27.31
N ALA B 56 0.70 6.21 26.56
CA ALA B 56 1.50 5.09 27.04
C ALA B 56 2.16 5.41 28.38
N PHE B 57 2.75 6.59 28.52
CA PHE B 57 3.42 6.92 29.78
C PHE B 57 2.43 6.90 30.94
N GLU B 58 1.27 7.54 30.75
CA GLU B 58 0.26 7.56 31.79
C GLU B 58 -0.25 6.15 32.11
N GLU B 59 -0.39 5.31 31.08
CA GLU B 59 -0.95 3.97 31.28
C GLU B 59 0.00 3.07 32.05
N TYR B 60 1.31 3.30 31.95
CA TYR B 60 2.29 2.51 32.66
C TYR B 60 2.87 3.23 33.86
N TYR B 61 2.36 4.41 34.17
CA TYR B 61 2.78 5.10 35.39
C TYR B 61 2.45 4.25 36.61
N GLN B 62 3.43 4.09 37.50
CA GLN B 62 3.30 3.28 38.71
C GLN B 62 2.93 1.82 38.41
N SER B 63 3.35 1.34 37.24
CA SER B 63 3.15 -0.07 36.91
C SER B 63 4.21 -0.97 37.51
N GLY B 64 5.26 -0.41 38.13
CA GLY B 64 6.42 -1.19 38.52
C GLY B 64 7.39 -1.44 37.40
N LEU B 65 7.17 -0.83 36.24
CA LEU B 65 8.04 -0.95 35.07
C LEU B 65 8.47 0.44 34.65
N SER B 66 9.73 0.56 34.21
CA SER B 66 10.15 1.77 33.50
C SER B 66 9.71 1.68 32.04
N VAL B 67 9.58 2.85 31.41
CA VAL B 67 9.21 2.96 30.00
C VAL B 67 10.34 3.66 29.28
N ILE B 68 10.81 3.06 28.19
CA ILE B 68 11.87 3.62 27.37
C ILE B 68 11.33 3.81 25.96
N MET B 69 11.37 5.05 25.45
CA MET B 69 10.95 5.32 24.07
C MET B 69 12.13 5.93 23.32
N PRO B 70 12.90 5.13 22.57
CA PRO B 70 13.98 5.73 21.76
C PRO B 70 13.38 6.62 20.69
N VAL B 71 14.11 7.69 20.37
CA VAL B 71 13.68 8.67 19.39
C VAL B 71 14.54 8.54 18.14
N GLY B 72 13.90 8.59 16.98
CA GLY B 72 14.61 8.61 15.72
C GLY B 72 14.60 7.25 15.03
N GLY B 73 15.43 7.15 14.01
CA GLY B 73 15.55 5.88 13.32
C GLY B 73 14.51 5.64 12.25
N GLN B 74 14.05 6.68 11.58
CA GLN B 74 13.10 6.54 10.48
C GLN B 74 13.58 5.45 9.51
N SER B 75 12.67 4.53 9.18
CA SER B 75 12.91 3.48 8.20
C SER B 75 14.10 2.59 8.57
N SER B 76 14.50 2.56 9.84
CA SER B 76 15.72 1.87 10.21
C SER B 76 15.52 0.39 10.46
N PHE B 77 14.29 -0.03 10.75
CA PHE B 77 13.98 -1.38 11.20
C PHE B 77 14.73 -1.75 12.48
N TYR B 78 15.25 -0.75 13.20
CA TYR B 78 16.00 -0.95 14.43
C TYR B 78 17.06 -2.04 14.29
N THR B 79 17.76 -2.02 13.17
CA THR B 79 18.74 -3.04 12.82
C THR B 79 20.08 -2.36 12.61
N ASP B 80 21.14 -3.18 12.52
CA ASP B 80 22.44 -2.68 12.10
C ASP B 80 22.50 -2.75 10.58
N TRP B 81 22.72 -1.61 9.94
CA TRP B 81 22.81 -1.55 8.48
C TRP B 81 24.23 -1.88 8.00
N TYR B 82 24.32 -2.32 6.75
CA TYR B 82 25.62 -2.53 6.13
C TYR B 82 26.34 -1.21 5.90
N GLN B 83 25.62 -0.16 5.54
CA GLN B 83 26.28 1.06 5.08
C GLN B 83 25.28 2.20 5.16
N PRO B 84 25.75 3.45 5.07
CA PRO B 84 24.81 4.58 5.04
C PRO B 84 23.87 4.47 3.84
N SER B 85 22.64 4.91 4.05
CA SER B 85 21.64 4.89 2.98
C SER B 85 22.10 5.80 1.85
N GLN B 86 22.25 5.23 0.66
CA GLN B 86 22.95 5.93 -0.41
C GLN B 86 22.15 7.15 -0.90
N SER B 87 20.90 6.93 -1.28
CA SER B 87 20.20 7.94 -2.10
C SER B 87 19.93 9.23 -1.33
N ASN B 88 19.67 9.16 -0.03
CA ASN B 88 19.19 10.33 0.70
C ASN B 88 20.28 11.04 1.47
N GLY B 89 21.54 10.74 1.20
CA GLY B 89 22.64 11.50 1.78
C GLY B 89 22.89 11.26 3.26
N GLN B 90 22.39 10.17 3.82
CA GLN B 90 22.74 9.83 5.20
C GLN B 90 24.26 9.75 5.33
N ASN B 91 24.81 10.44 6.34
CA ASN B 91 26.25 10.55 6.47
C ASN B 91 26.82 9.67 7.58
N TYR B 92 26.07 8.65 8.00
CA TYR B 92 26.54 7.66 8.95
C TYR B 92 25.74 6.39 8.72
N THR B 93 26.18 5.31 9.36
CA THR B 93 25.51 4.02 9.25
C THR B 93 24.63 3.80 10.47
N TYR B 94 23.34 3.55 10.22
CA TYR B 94 22.44 3.09 11.27
C TYR B 94 23.02 1.86 11.95
N LYS B 95 23.14 1.93 13.28
CA LYS B 95 23.57 0.79 14.09
C LYS B 95 22.61 0.64 15.27
N TRP B 96 21.32 0.50 14.95
CA TRP B 96 20.31 0.54 15.99
C TRP B 96 20.25 -0.73 16.83
N GLU B 97 20.64 -1.87 16.28
CA GLU B 97 20.69 -3.08 17.11
C GLU B 97 21.82 -2.98 18.13
N THR B 98 22.98 -2.51 17.70
CA THR B 98 24.07 -2.24 18.63
C THR B 98 23.64 -1.22 19.67
N PHE B 99 22.95 -0.15 19.26
CA PHE B 99 22.51 0.84 20.24
C PHE B 99 21.56 0.24 21.26
N LEU B 100 20.55 -0.51 20.79
CA LEU B 100 19.51 -0.98 21.70
C LEU B 100 20.01 -2.09 22.62
N THR B 101 21.00 -2.87 22.19
CA THR B 101 21.44 -4.04 22.93
C THR B 101 22.74 -3.84 23.66
N ARG B 102 23.48 -2.78 23.36
CA ARG B 102 24.77 -2.61 23.99
C ARG B 102 24.87 -1.21 24.58
N GLU B 103 24.73 -0.18 23.73
CA GLU B 103 25.05 1.17 24.16
C GLU B 103 24.00 1.73 25.12
N MET B 104 22.72 1.65 24.72
CA MET B 104 21.67 2.23 25.56
C MET B 104 21.51 1.51 26.88
N PRO B 105 21.44 0.16 26.94
CA PRO B 105 21.28 -0.46 28.26
C PRO B 105 22.45 -0.21 29.19
N ALA B 106 23.68 -0.15 28.66
CA ALA B 106 24.82 0.18 29.51
C ALA B 106 24.67 1.58 30.09
N TRP B 107 24.26 2.55 29.27
CA TRP B 107 24.07 3.91 29.75
C TRP B 107 22.93 4.01 30.76
N LEU B 108 21.80 3.36 30.47
CA LEU B 108 20.66 3.41 31.39
C LEU B 108 20.96 2.72 32.71
N GLN B 109 21.75 1.65 32.67
CA GLN B 109 22.14 1.00 33.91
C GLN B 109 23.00 1.93 34.74
N ALA B 110 23.97 2.61 34.11
CA ALA B 110 24.92 3.44 34.86
C ALA B 110 24.32 4.75 35.32
N ASN B 111 23.35 5.29 34.58
CA ASN B 111 22.84 6.63 34.85
C ASN B 111 21.41 6.67 35.38
N LYS B 112 20.62 5.62 35.18
CA LYS B 112 19.24 5.61 35.63
C LYS B 112 18.87 4.38 36.44
N GLY B 113 19.78 3.44 36.64
CA GLY B 113 19.47 2.29 37.46
C GLY B 113 18.54 1.28 36.83
N VAL B 114 18.51 1.23 35.50
CA VAL B 114 17.68 0.27 34.78
C VAL B 114 18.48 -0.99 34.53
N SER B 115 17.87 -2.15 34.82
CA SER B 115 18.57 -3.41 34.60
C SER B 115 18.77 -3.65 33.11
N PRO B 116 19.98 -4.00 32.68
CA PRO B 116 20.18 -4.33 31.25
C PRO B 116 19.55 -5.66 30.84
N THR B 117 19.07 -6.46 31.79
CA THR B 117 18.50 -7.76 31.49
C THR B 117 17.05 -7.80 32.01
N GLY B 118 16.26 -8.68 31.41
CA GLY B 118 14.92 -8.94 31.91
C GLY B 118 13.90 -7.90 31.50
N ASN B 119 14.01 -7.38 30.28
CA ASN B 119 13.15 -6.30 29.80
C ASN B 119 12.18 -6.81 28.74
N ALA B 120 11.35 -5.89 28.24
CA ALA B 120 10.36 -6.20 27.23
C ALA B 120 10.60 -5.30 26.02
N ALA B 121 10.55 -5.90 24.82
CA ALA B 121 10.64 -5.16 23.57
C ALA B 121 9.26 -5.16 22.95
N VAL B 122 8.68 -3.98 22.75
CA VAL B 122 7.35 -3.85 22.14
C VAL B 122 7.48 -3.02 20.88
N GLY B 123 7.14 -3.63 19.74
CA GLY B 123 7.23 -2.94 18.47
C GLY B 123 5.89 -3.02 17.74
N LEU B 124 5.74 -2.13 16.77
CA LEU B 124 4.53 -2.10 15.97
C LEU B 124 4.92 -1.79 14.53
N SER B 125 4.11 -2.29 13.60
CA SER B 125 4.36 -2.05 12.18
C SER B 125 5.79 -2.43 11.88
N MET B 126 6.58 -1.50 11.31
CA MET B 126 8.00 -1.73 11.06
C MET B 126 8.72 -2.47 12.20
N SER B 127 8.54 -2.01 13.43
CA SER B 127 9.32 -2.57 14.53
C SER B 127 8.67 -3.79 15.19
N GLY B 128 7.51 -4.24 14.71
CA GLY B 128 6.97 -5.48 15.24
C GLY B 128 7.93 -6.64 15.05
N GLY B 129 8.44 -6.78 13.82
CA GLY B 129 9.46 -7.79 13.57
C GLY B 129 10.75 -7.51 14.33
N SER B 130 11.12 -6.24 14.42
CA SER B 130 12.34 -5.87 15.14
C SER B 130 12.30 -6.36 16.58
N ALA B 131 11.14 -6.24 17.23
CA ALA B 131 11.03 -6.66 18.63
C ALA B 131 11.25 -8.16 18.75
N LEU B 132 10.69 -8.94 17.82
CA LEU B 132 10.88 -10.38 17.87
C LEU B 132 12.32 -10.74 17.55
N ILE B 133 12.94 -10.03 16.62
CA ILE B 133 14.34 -10.30 16.29
C ILE B 133 15.25 -9.99 17.48
N LEU B 134 15.00 -8.87 18.17
CA LEU B 134 15.78 -8.55 19.36
C LEU B 134 15.67 -9.66 20.41
N ALA B 135 14.47 -10.17 20.65
CA ALA B 135 14.33 -11.27 21.59
C ALA B 135 14.95 -12.56 21.06
N ALA B 136 14.89 -12.80 19.74
CA ALA B 136 15.49 -14.01 19.19
C ALA B 136 16.99 -14.06 19.44
N TYR B 137 17.68 -12.94 19.30
CA TYR B 137 19.14 -12.94 19.42
C TYR B 137 19.64 -12.49 20.79
N TYR B 138 18.81 -11.79 21.57
CA TYR B 138 19.21 -11.27 22.88
C TYR B 138 18.19 -11.70 23.94
N PRO B 139 18.08 -13.01 24.17
CA PRO B 139 17.00 -13.50 25.06
C PRO B 139 17.16 -13.08 26.51
N GLN B 140 18.39 -12.87 26.97
CA GLN B 140 18.57 -12.43 28.36
C GLN B 140 18.10 -10.99 28.53
N GLN B 141 18.31 -10.16 27.52
CA GLN B 141 17.83 -8.78 27.61
C GLN B 141 16.33 -8.69 27.43
N PHE B 142 15.75 -9.52 26.55
CA PHE B 142 14.33 -9.44 26.21
C PHE B 142 13.65 -10.81 26.35
N PRO B 143 13.33 -11.22 27.58
CA PRO B 143 12.50 -12.42 27.76
C PRO B 143 11.07 -12.23 27.28
N TYR B 144 10.69 -11.00 26.96
CA TYR B 144 9.33 -10.66 26.53
C TYR B 144 9.44 -9.84 25.26
N ALA B 145 8.67 -10.20 24.24
CA ALA B 145 8.58 -9.36 23.04
C ALA B 145 7.15 -9.33 22.51
N ALA B 146 6.73 -8.15 22.04
CA ALA B 146 5.43 -8.02 21.40
C ALA B 146 5.61 -7.43 20.02
N SER B 147 4.84 -7.96 19.06
CA SER B 147 4.83 -7.47 17.69
C SER B 147 3.39 -7.10 17.38
N LEU B 148 3.13 -5.81 17.20
CA LEU B 148 1.78 -5.32 16.93
C LEU B 148 1.68 -4.97 15.45
N SER B 149 0.96 -5.78 14.68
CA SER B 149 0.78 -5.54 13.25
C SER B 149 2.13 -5.49 12.54
N GLY B 150 3.03 -6.40 12.90
CA GLY B 150 4.35 -6.40 12.30
C GLY B 150 4.40 -7.13 10.97
N PHE B 151 5.55 -7.02 10.31
CA PHE B 151 5.77 -7.67 9.02
C PHE B 151 6.73 -8.84 9.29
N LEU B 152 6.17 -10.03 9.47
CA LEU B 152 6.88 -11.09 10.17
C LEU B 152 7.58 -12.09 9.25
N ASN B 153 7.54 -11.88 7.94
CA ASN B 153 8.26 -12.75 6.99
C ASN B 153 8.92 -11.87 5.94
N PRO B 154 9.76 -10.92 6.36
CA PRO B 154 10.24 -9.91 5.42
C PRO B 154 11.11 -10.46 4.31
N SER B 155 11.69 -11.65 4.46
CA SER B 155 12.55 -12.17 3.41
C SER B 155 11.81 -12.96 2.36
N GLU B 156 10.50 -13.16 2.52
CA GLU B 156 9.74 -14.09 1.67
C GLU B 156 8.99 -13.35 0.57
N GLY B 157 8.89 -13.98 -0.61
CA GLY B 157 7.99 -13.52 -1.65
C GLY B 157 8.23 -12.07 -2.05
N TRP B 158 7.15 -11.29 -2.09
CA TRP B 158 7.23 -9.87 -2.47
C TRP B 158 7.64 -8.97 -1.33
N TRP B 159 7.80 -9.47 -0.11
CA TRP B 159 8.05 -8.57 1.01
C TRP B 159 9.33 -7.75 0.90
N PRO B 160 10.46 -8.28 0.42
CA PRO B 160 11.62 -7.39 0.26
C PRO B 160 11.33 -6.22 -0.67
N THR B 161 10.56 -6.45 -1.73
CA THR B 161 10.17 -5.36 -2.64
C THR B 161 9.29 -4.36 -1.93
N LEU B 162 8.27 -4.84 -1.20
CA LEU B 162 7.33 -3.94 -0.53
C LEU B 162 8.03 -3.12 0.54
N ILE B 163 8.90 -3.77 1.32
CA ILE B 163 9.65 -3.08 2.35
C ILE B 163 10.56 -2.03 1.72
N GLY B 164 11.23 -2.39 0.63
CA GLY B 164 12.05 -1.42 -0.07
C GLY B 164 11.26 -0.21 -0.53
N LEU B 165 10.05 -0.44 -1.07
CA LEU B 165 9.24 0.71 -1.49
C LEU B 165 8.88 1.59 -0.29
N ALA B 166 8.45 0.97 0.80
CA ALA B 166 8.01 1.74 1.96
C ALA B 166 9.17 2.54 2.55
N MET B 167 10.38 1.95 2.58
CA MET B 167 11.52 2.68 3.10
C MET B 167 11.88 3.86 2.22
N ASN B 168 11.76 3.69 0.89
CA ASN B 168 12.01 4.82 0.00
C ASN B 168 10.96 5.90 0.19
N ASP B 169 9.70 5.52 0.42
CA ASP B 169 8.65 6.53 0.59
C ASP B 169 8.79 7.28 1.89
N SER B 170 9.35 6.63 2.91
CA SER B 170 9.51 7.21 4.24
C SER B 170 10.96 7.69 4.37
N GLY B 171 11.25 8.82 3.73
CA GLY B 171 12.54 9.45 3.89
C GLY B 171 13.59 9.05 2.88
N GLY B 172 13.24 8.27 1.87
CA GLY B 172 14.18 7.99 0.80
C GLY B 172 15.26 6.99 1.15
N TYR B 173 15.03 6.16 2.17
CA TYR B 173 16.01 5.17 2.60
C TYR B 173 16.03 3.97 1.66
N ASN B 174 17.15 3.28 1.64
CA ASN B 174 17.43 2.26 0.63
C ASN B 174 17.62 0.92 1.31
N ALA B 175 16.68 0.00 1.10
CA ALA B 175 16.77 -1.32 1.73
C ALA B 175 18.05 -2.06 1.35
N ASN B 176 18.59 -1.78 0.17
N ASN B 176 18.59 -1.78 0.16
CA ASN B 176 19.84 -2.45 -0.23
CA ASN B 176 19.84 -2.43 -0.23
C ASN B 176 21.00 -2.04 0.67
C ASN B 176 20.99 -2.05 0.70
N SER B 177 21.02 -0.79 1.16
CA SER B 177 22.04 -0.37 2.10
C SER B 177 21.84 -1.01 3.47
N MET B 178 20.62 -1.45 3.78
CA MET B 178 20.32 -2.03 5.09
C MET B 178 20.74 -3.49 5.15
N TRP B 179 20.08 -4.36 4.37
CA TRP B 179 20.34 -5.79 4.40
C TRP B 179 20.86 -6.34 3.07
N GLY B 180 21.25 -5.49 2.13
CA GLY B 180 21.74 -5.94 0.85
C GLY B 180 20.60 -6.30 -0.07
N PRO B 181 20.94 -6.91 -1.22
CA PRO B 181 19.90 -7.49 -2.08
C PRO B 181 19.17 -8.58 -1.34
N SER B 182 17.97 -8.92 -1.82
CA SER B 182 17.12 -9.84 -1.08
C SER B 182 17.74 -11.23 -0.95
N SER B 183 18.70 -11.59 -1.80
CA SER B 183 19.43 -12.84 -1.63
C SER B 183 20.45 -12.81 -0.51
N ASP B 184 20.73 -11.63 0.04
CA ASP B 184 21.75 -11.50 1.07
C ASP B 184 21.30 -12.22 2.35
N PRO B 185 22.21 -12.91 3.05
CA PRO B 185 21.81 -13.61 4.29
C PRO B 185 21.21 -12.70 5.35
N ALA B 186 21.48 -11.39 5.32
CA ALA B 186 20.89 -10.50 6.32
C ALA B 186 19.36 -10.50 6.28
N TRP B 187 18.77 -10.77 5.11
CA TRP B 187 17.30 -10.79 5.06
C TRP B 187 16.74 -11.94 5.90
N LYS B 188 17.29 -13.14 5.73
CA LYS B 188 16.80 -14.27 6.53
C LYS B 188 17.17 -14.12 8.01
N ARG B 189 18.38 -13.58 8.28
CA ARG B 189 18.81 -13.37 9.66
C ARG B 189 17.81 -12.54 10.45
N ASN B 190 17.22 -11.54 9.80
CA ASN B 190 16.32 -10.58 10.45
C ASN B 190 14.86 -10.87 10.17
N ASP B 191 14.54 -12.09 9.77
CA ASP B 191 13.19 -12.49 9.44
C ASP B 191 12.61 -13.26 10.62
N PRO B 192 11.61 -12.72 11.33
CA PRO B 192 11.09 -13.43 12.51
C PRO B 192 10.57 -14.82 12.19
N MET B 193 9.96 -15.03 11.02
CA MET B 193 9.47 -16.36 10.67
C MET B 193 10.61 -17.36 10.59
N VAL B 194 11.73 -16.95 10.00
CA VAL B 194 12.90 -17.81 9.87
C VAL B 194 13.50 -18.08 11.25
N GLN B 195 13.43 -17.11 12.16
CA GLN B 195 14.06 -17.24 13.47
C GLN B 195 13.13 -17.78 14.55
N ILE B 196 11.97 -18.30 14.18
CA ILE B 196 11.07 -18.93 15.14
C ILE B 196 11.80 -19.98 15.97
N PRO B 197 12.65 -20.85 15.40
CA PRO B 197 13.37 -21.82 16.26
C PRO B 197 14.16 -21.17 17.39
N ARG B 198 14.66 -19.94 17.20
CA ARG B 198 15.34 -19.26 18.30
C ARG B 198 14.35 -18.81 19.37
N LEU B 199 13.22 -18.23 18.97
CA LEU B 199 12.20 -17.88 19.96
C LEU B 199 11.73 -19.09 20.73
N VAL B 200 11.63 -20.24 20.06
CA VAL B 200 11.19 -21.47 20.72
C VAL B 200 12.25 -21.96 21.71
N ALA B 201 13.51 -22.04 21.27
CA ALA B 201 14.58 -22.52 22.13
C ALA B 201 14.74 -21.63 23.36
N ASN B 202 14.58 -20.32 23.19
CA ASN B 202 14.73 -19.41 24.32
C ASN B 202 13.46 -19.32 25.16
N ASN B 203 12.35 -19.90 24.68
CA ASN B 203 11.06 -19.86 25.36
C ASN B 203 10.62 -18.42 25.61
N THR B 204 10.95 -17.54 24.68
CA THR B 204 10.55 -16.14 24.79
C THR B 204 9.04 -16.02 24.95
N ARG B 205 8.60 -15.15 25.85
CA ARG B 205 7.17 -14.82 25.93
C ARG B 205 6.89 -13.85 24.79
N ILE B 206 6.08 -14.26 23.82
CA ILE B 206 5.79 -13.39 22.68
C ILE B 206 4.31 -13.05 22.66
N TRP B 207 4.02 -11.80 22.30
CA TRP B 207 2.65 -11.31 22.17
C TRP B 207 2.52 -10.80 20.75
N VAL B 208 1.77 -11.49 19.91
CA VAL B 208 1.66 -11.17 18.50
C VAL B 208 0.22 -10.75 18.23
N TYR B 209 0.06 -9.56 17.65
CA TYR B 209 -1.27 -9.03 17.38
C TYR B 209 -1.37 -8.58 15.92
N CYS B 210 -2.55 -8.76 15.36
CA CYS B 210 -2.84 -8.15 14.07
C CYS B 210 -4.34 -8.03 13.90
N GLY B 211 -4.81 -6.86 13.51
CA GLY B 211 -6.22 -6.67 13.23
C GLY B 211 -6.60 -7.23 11.87
N ASN B 212 -7.87 -7.08 11.54
CA ASN B 212 -8.37 -7.68 10.32
C ASN B 212 -8.73 -6.66 9.26
N GLY B 213 -8.47 -5.38 9.51
CA GLY B 213 -8.78 -4.32 8.55
C GLY B 213 -10.10 -3.62 8.76
N THR B 214 -10.94 -4.07 9.71
CA THR B 214 -12.23 -3.44 9.91
C THR B 214 -12.18 -2.52 11.13
N PRO B 215 -12.37 -1.22 10.97
CA PRO B 215 -12.30 -0.32 12.12
C PRO B 215 -13.47 -0.54 13.08
N SER B 216 -13.20 -0.35 14.37
CA SER B 216 -14.21 -0.31 15.40
C SER B 216 -14.44 1.14 15.80
N ASP B 217 -15.04 1.37 16.97
CA ASP B 217 -15.23 2.72 17.48
C ASP B 217 -13.91 3.39 17.85
N LEU B 218 -12.83 2.63 17.97
CA LEU B 218 -11.52 3.21 18.27
C LEU B 218 -10.98 4.08 17.14
N GLY B 219 -11.54 3.99 15.94
CA GLY B 219 -11.14 4.89 14.87
C GLY B 219 -10.17 4.26 13.90
N GLY B 220 -9.23 5.07 13.38
CA GLY B 220 -8.30 4.55 12.40
C GLY B 220 -8.98 4.16 11.10
N ASP B 221 -10.09 4.83 10.77
CA ASP B 221 -10.90 4.47 9.61
C ASP B 221 -10.41 5.26 8.40
N ASN B 222 -9.31 4.79 7.82
CA ASN B 222 -8.81 5.34 6.57
C ASN B 222 -8.26 4.19 5.75
N ILE B 223 -8.24 4.38 4.42
CA ILE B 223 -7.94 3.27 3.53
C ILE B 223 -6.54 2.71 3.75
N PRO B 224 -5.47 3.53 3.86
CA PRO B 224 -4.14 2.92 4.08
C PRO B 224 -4.08 2.09 5.35
N ALA B 225 -4.74 2.55 6.42
CA ALA B 225 -4.73 1.78 7.66
C ALA B 225 -5.50 0.47 7.50
N LYS B 226 -6.64 0.50 6.80
CA LYS B 226 -7.37 -0.74 6.56
C LYS B 226 -6.57 -1.67 5.65
N PHE B 227 -5.98 -1.11 4.60
CA PHE B 227 -5.28 -1.94 3.61
C PHE B 227 -4.07 -2.64 4.24
N LEU B 228 -3.24 -1.89 4.97
CA LEU B 228 -2.01 -2.47 5.50
C LEU B 228 -2.31 -3.57 6.50
N GLU B 229 -3.35 -3.40 7.29
CA GLU B 229 -3.68 -4.41 8.28
C GLU B 229 -4.13 -5.70 7.62
N GLY B 230 -5.04 -5.58 6.64
CA GLY B 230 -5.44 -6.76 5.89
C GLY B 230 -4.27 -7.41 5.17
N LEU B 231 -3.33 -6.59 4.68
CA LEU B 231 -2.20 -7.12 3.93
C LEU B 231 -1.29 -7.99 4.80
N THR B 232 -1.09 -7.60 6.06
CA THR B 232 -0.13 -8.34 6.87
C THR B 232 -0.76 -9.38 7.78
N LEU B 233 -2.09 -9.45 7.82
CA LEU B 233 -2.74 -10.43 8.70
C LEU B 233 -2.37 -11.85 8.31
N ARG B 234 -2.39 -12.17 7.01
CA ARG B 234 -2.10 -13.52 6.58
C ARG B 234 -0.71 -13.97 7.04
N THR B 235 0.28 -13.09 6.95
CA THR B 235 1.62 -13.42 7.41
C THR B 235 1.64 -13.68 8.90
N ASN B 236 0.89 -12.88 9.67
CA ASN B 236 0.84 -13.08 11.11
C ASN B 236 0.19 -14.41 11.44
N GLN B 237 -0.86 -14.78 10.72
CA GLN B 237 -1.49 -16.07 10.98
C GLN B 237 -0.53 -17.22 10.65
N THR B 238 0.20 -17.12 9.55
CA THR B 238 1.20 -18.13 9.23
C THR B 238 2.27 -18.20 10.31
N PHE B 239 2.70 -17.05 10.82
CA PHE B 239 3.66 -17.05 11.93
C PHE B 239 3.12 -17.83 13.12
N ARG B 240 1.86 -17.59 13.49
CA ARG B 240 1.26 -18.32 14.59
C ARG B 240 1.29 -19.82 14.34
N ASP B 241 0.86 -20.27 13.16
CA ASP B 241 0.86 -21.69 12.84
C ASP B 241 2.26 -22.28 12.85
N THR B 242 3.22 -21.53 12.31
CA THR B 242 4.60 -22.02 12.23
C THR B 242 5.22 -22.10 13.61
N TYR B 243 4.95 -21.10 14.45
CA TYR B 243 5.45 -21.09 15.81
C TYR B 243 5.02 -22.35 16.57
N ALA B 244 3.74 -22.68 16.52
CA ALA B 244 3.24 -23.84 17.23
C ALA B 244 3.80 -25.14 16.63
N ALA B 245 3.90 -25.21 15.30
CA ALA B 245 4.45 -26.39 14.64
C ALA B 245 5.90 -26.60 15.03
N ASP B 246 6.62 -25.52 15.31
CA ASP B 246 8.04 -25.59 15.67
C ASP B 246 8.26 -25.79 17.16
N GLY B 247 7.19 -26.04 17.91
CA GLY B 247 7.29 -26.27 19.33
C GLY B 247 7.11 -25.05 20.18
N GLY B 248 6.76 -23.91 19.60
CA GLY B 248 6.54 -22.70 20.36
C GLY B 248 5.43 -22.89 21.36
N ARG B 249 5.63 -22.45 22.61
CA ARG B 249 4.68 -22.74 23.66
C ARG B 249 4.48 -21.59 24.64
N ASN B 250 4.93 -20.38 24.30
CA ASN B 250 4.85 -19.27 25.22
C ASN B 250 4.33 -18.02 24.51
N GLY B 251 3.41 -18.19 23.58
CA GLY B 251 2.91 -17.11 22.76
C GLY B 251 1.48 -16.74 23.09
N VAL B 252 1.17 -15.45 22.94
CA VAL B 252 -0.19 -14.92 22.94
C VAL B 252 -0.47 -14.42 21.53
N PHE B 253 -1.58 -14.86 20.94
CA PHE B 253 -1.91 -14.47 19.56
C PHE B 253 -3.29 -13.86 19.53
N ASN B 254 -3.36 -12.56 19.26
CA ASN B 254 -4.60 -11.81 19.27
C ASN B 254 -4.90 -11.40 17.83
N PHE B 255 -5.85 -12.08 17.20
CA PHE B 255 -6.31 -11.76 15.85
C PHE B 255 -7.81 -11.47 15.91
N PRO B 256 -8.21 -10.32 16.44
CA PRO B 256 -9.65 -10.03 16.63
C PRO B 256 -10.34 -9.69 15.32
N PRO B 257 -11.68 -9.72 15.30
CA PRO B 257 -12.41 -9.36 14.09
C PRO B 257 -12.53 -7.85 13.87
N ASN B 258 -11.50 -7.10 14.25
CA ASN B 258 -11.50 -5.66 14.03
C ASN B 258 -10.05 -5.18 14.05
N GLY B 259 -9.87 -3.89 13.79
CA GLY B 259 -8.58 -3.27 13.96
C GLY B 259 -7.96 -2.85 12.63
N THR B 260 -7.45 -1.64 12.58
CA THR B 260 -6.69 -1.19 11.42
C THR B 260 -5.28 -0.88 11.85
N HIS B 261 -4.45 -0.50 10.88
CA HIS B 261 -3.03 -0.25 11.09
C HIS B 261 -2.86 1.17 11.63
N SER B 262 -3.21 1.34 12.90
CA SER B 262 -3.25 2.69 13.46
C SER B 262 -3.11 2.64 14.97
N TRP B 263 -2.72 3.79 15.53
CA TRP B 263 -2.30 3.85 16.92
C TRP B 263 -3.35 3.46 17.96
N PRO B 264 -4.66 3.74 17.80
CA PRO B 264 -5.60 3.33 18.85
C PRO B 264 -5.59 1.83 19.12
N TYR B 265 -5.42 1.02 18.10
CA TYR B 265 -5.42 -0.42 18.30
C TYR B 265 -4.12 -0.89 18.93
N TRP B 266 -3.01 -0.23 18.60
CA TRP B 266 -1.76 -0.60 19.23
C TRP B 266 -1.75 -0.18 20.69
N ASN B 267 -2.31 1.00 20.99
CA ASN B 267 -2.47 1.38 22.40
C ASN B 267 -3.35 0.38 23.14
N GLU B 268 -4.42 -0.08 22.50
CA GLU B 268 -5.30 -1.04 23.16
C GLU B 268 -4.53 -2.31 23.53
N GLN B 269 -3.64 -2.77 22.65
CA GLN B 269 -2.84 -3.94 22.94
C GLN B 269 -1.82 -3.65 24.04
N LEU B 270 -1.23 -2.46 24.03
CA LEU B 270 -0.26 -2.11 25.07
C LEU B 270 -0.91 -2.14 26.45
N VAL B 271 -2.15 -1.66 26.56
CA VAL B 271 -2.87 -1.73 27.82
C VAL B 271 -3.19 -3.18 28.16
N ALA B 272 -3.63 -3.94 27.16
CA ALA B 272 -4.06 -5.31 27.39
C ALA B 272 -2.93 -6.19 27.88
N MET B 273 -1.69 -5.90 27.47
CA MET B 273 -0.55 -6.75 27.81
C MET B 273 0.13 -6.35 29.12
N LYS B 274 -0.29 -5.26 29.76
CA LYS B 274 0.42 -4.75 30.93
C LYS B 274 0.52 -5.80 32.02
N ALA B 275 -0.60 -6.45 32.35
CA ALA B 275 -0.58 -7.44 33.42
C ALA B 275 0.35 -8.59 33.07
N ASP B 276 0.37 -8.98 31.78
CA ASP B 276 1.25 -10.06 31.33
C ASP B 276 2.71 -9.68 31.45
N ILE B 277 3.05 -8.44 31.08
CA ILE B 277 4.43 -7.97 31.20
C ILE B 277 4.84 -7.92 32.67
N GLN B 278 3.97 -7.41 33.55
CA GLN B 278 4.28 -7.35 34.97
C GLN B 278 4.57 -8.73 35.52
N HIS B 279 3.80 -9.74 35.09
CA HIS B 279 4.00 -11.09 35.57
C HIS B 279 5.33 -11.66 35.10
N VAL B 280 5.68 -11.44 33.83
CA VAL B 280 6.88 -12.05 33.29
C VAL B 280 8.14 -11.37 33.82
N LEU B 281 8.15 -10.04 33.86
CA LEU B 281 9.35 -9.29 34.21
C LEU B 281 9.51 -9.13 35.72
N ASN B 282 8.42 -8.91 36.45
CA ASN B 282 8.48 -8.64 37.89
C ASN B 282 8.01 -9.80 38.75
N GLY B 283 7.18 -10.69 38.24
CA GLY B 283 6.69 -11.81 39.02
C GLY B 283 5.32 -11.54 39.60
C10 9SW C . -6.47 4.29 -2.19
C13 9SW C . -5.51 6.60 -0.83
C15 9SW C . -6.21 8.12 -6.92
C03 9SW C . -7.42 5.42 -5.24
C08 9SW C . -6.68 5.62 -2.92
C09 9SW C . -5.94 6.90 -2.26
C11 9SW C . -6.32 5.45 -4.41
C12 9SW C . -4.72 7.39 -3.05
C14 9SW C . -4.74 8.73 -3.74
C16 9SW C . -5.47 7.81 1.18
C18 9SW C . -7.09 3.06 -2.90
O02 9SW C . -6.22 7.33 0.08
O04 9SW C . -3.71 6.72 -3.14
O05 9SW C . -6.13 6.75 -7.16
O06 9SW C . -4.63 5.84 -0.52
O07 9SW C . -8.76 6.64 -7.24
O17 9SW C . -7.41 4.53 -7.80
P01 9SW C . -7.43 5.87 -6.98
S DMS D . -20.64 16.66 -31.85
O DMS D . -19.35 17.41 -31.82
C1 DMS D . -20.47 15.19 -32.89
C2 DMS D . -20.91 15.90 -30.23
C10 9SW E . 2.53 4.31 5.39
C13 9SW E . 0.27 6.05 5.65
C15 9SW E . 1.60 3.84 11.44
C20 9SW E . 3.49 2.09 2.95
C21 9SW E . 2.29 2.81 2.27
C22 9SW E . 1.00 1.99 2.19
C24 9SW E . -1.14 1.61 0.85
C26 9SW E . -3.30 1.11 -0.31
C28 9SW E . -5.22 0.46 -1.76
C03 9SW E . 3.54 3.96 8.68
C08 9SW E . 2.28 4.87 6.79
C09 9SW E . 0.86 5.61 6.99
C11 9SW E . 2.47 3.75 7.83
C12 9SW E . -0.19 4.77 7.73
C14 9SW E . -0.68 5.19 9.09
C16 9SW E . -0.91 7.99 5.06
C18 9SW E . 3.52 3.11 5.33
C19 9SW E . 4.25 2.92 3.99
C23 9SW E . -0.13 2.62 1.37
C25 9SW E . -2.42 2.19 0.27
C27 9SW E . -4.62 1.56 -0.88
O02 9SW E . 0.31 7.41 5.49
O04 9SW E . -0.66 3.77 7.23
O05 9SW E . 2.34 2.85 10.78
O06 9SW E . -0.21 5.29 4.84
O07 9SW E . 4.54 4.26 11.15
O17 9SW E . 4.71 1.95 10.06
P01 9SW E . 3.80 3.20 10.28
S DMS F . 24.71 -6.63 8.70
O DMS F . 25.34 -5.62 9.62
C1 DMS F . 23.95 -7.97 9.65
C2 DMS F . 23.25 -5.91 7.87
#